data_7MFB
#
_entry.id   7MFB
#
_cell.length_a   141.800
_cell.length_b   56.231
_cell.length_c   69.261
_cell.angle_alpha   90.00
_cell.angle_beta   100.85
_cell.angle_gamma   90.00
#
_symmetry.space_group_name_H-M   'C 1 2 1'
#
loop_
_entity.id
_entity.type
_entity.pdbx_description
1 polymer 'Antibody 10E8v4 Fab heavy chain'
2 polymer 'Antibody 10E8v4 Fab light chain'
3 water water
#
loop_
_entity_poly.entity_id
_entity_poly.type
_entity_poly.pdbx_seq_one_letter_code
_entity_poly.pdbx_strand_id
1 'polypeptide(L)'
;EVRLVESGGGLVKPGGSLRLSCSASGFDFDNAWMTWVRQPPGKGLEWVGRITGPGEGWSVDYAESVKGRFTISRDNTKNT
LYLEMNNVRTEDTGYYFCARTGKYYDFWSGYPPGEEYFQDWGQGTLVIVSSASTKGPSVFPLAPSSKSTSGGTAALGCLV
KDYFPEPVTVSWNSGALTSGVHTFPAVLQSSGLYSLSSVVTVPSSSLGTQTYICNVNHKPSNTKVDKKVEPK
;
H
2 'polypeptide(L)'
;SELTQDPAVSVALKQTVTITCRGDSLRSFYASWYQKKPGQAPVLLFYGKNNRPSGIPDRFSGSASGNRASLTITGAQAED
EADYYCSSRDKSGSRLSVFGGGTKLTVLSQPKAAPSVTLFPPSSEELQANKATLVCLISDFYPGAVTVAWKADSSPVKAG
VETTTPSKQSNNKYAASSYLSLTPEQWKSHRSYSCQVTHEGSTVEKTVAP
;
L
#
# COMPACT_ATOMS: atom_id res chain seq x y z
N GLU A 1 24.32 12.91 -10.92
CA GLU A 1 24.17 14.32 -10.48
C GLU A 1 22.72 14.81 -10.58
N VAL A 2 21.84 13.96 -11.11
CA VAL A 2 20.43 14.32 -11.23
C VAL A 2 19.80 14.30 -9.85
N ARG A 3 19.16 15.42 -9.48
CA ARG A 3 18.47 15.51 -8.20
C ARG A 3 17.06 16.06 -8.39
N LEU A 4 16.09 15.36 -7.80
CA LEU A 4 14.69 15.77 -7.82
C LEU A 4 14.20 15.75 -6.37
N VAL A 5 13.54 16.82 -5.96
CA VAL A 5 13.10 16.93 -4.58
C VAL A 5 11.70 17.53 -4.55
N GLU A 6 10.74 16.75 -4.09
CA GLU A 6 9.36 17.18 -3.98
C GLU A 6 9.10 17.83 -2.62
N SER A 7 8.19 18.78 -2.62
CA SER A 7 7.87 19.48 -1.39
C SER A 7 6.41 19.91 -1.46
N GLY A 8 5.88 20.28 -0.30
CA GLY A 8 4.53 20.81 -0.22
C GLY A 8 3.49 19.87 0.31
N GLY A 9 3.84 18.59 0.52
CA GLY A 9 2.90 17.64 1.08
C GLY A 9 2.39 18.09 2.44
N GLY A 10 1.22 17.60 2.81
CA GLY A 10 0.65 17.97 4.10
C GLY A 10 -0.82 17.58 4.16
N LEU A 11 -1.50 18.14 5.15
CA LEU A 11 -2.90 17.78 5.34
C LEU A 11 -3.76 18.80 4.61
N VAL A 12 -4.80 18.32 3.95
CA VAL A 12 -5.75 19.17 3.25
C VAL A 12 -7.13 18.51 3.30
N LYS A 13 -8.13 19.33 3.41
CA LYS A 13 -9.47 18.78 3.53
C LYS A 13 -10.10 18.53 2.15
N PRO A 14 -10.97 17.51 2.06
CA PRO A 14 -11.72 17.31 0.81
C PRO A 14 -12.31 18.62 0.31
N GLY A 15 -12.21 18.81 -1.01
CA GLY A 15 -12.58 20.07 -1.64
C GLY A 15 -11.51 21.13 -1.58
N GLY A 16 -10.40 20.89 -0.87
CA GLY A 16 -9.40 21.89 -0.65
C GLY A 16 -8.40 21.94 -1.80
N SER A 17 -7.40 22.80 -1.63
CA SER A 17 -6.33 22.97 -2.62
C SER A 17 -4.96 22.91 -1.94
N LEU A 18 -3.99 22.39 -2.68
CA LEU A 18 -2.64 22.21 -2.18
C LEU A 18 -1.74 22.35 -3.40
N ARG A 19 -0.61 23.05 -3.26
CA ARG A 19 0.36 23.09 -4.35
C ARG A 19 1.64 22.34 -3.96
N LEU A 20 2.03 21.36 -4.78
CA LEU A 20 3.29 20.65 -4.60
C LEU A 20 4.33 21.21 -5.57
N SER A 21 5.59 21.16 -5.15
CA SER A 21 6.72 21.64 -5.93
C SER A 21 7.69 20.49 -6.10
N CYS A 22 8.47 20.53 -7.19
CA CYS A 22 9.54 19.58 -7.40
C CYS A 22 10.70 20.38 -7.99
N SER A 23 11.80 20.44 -7.25
CA SER A 23 12.98 21.20 -7.65
C SER A 23 13.97 20.25 -8.31
N ALA A 24 14.57 20.70 -9.39
CA ALA A 24 15.40 19.83 -10.21
C ALA A 24 16.78 20.42 -10.40
N SER A 25 17.77 19.53 -10.51
CA SER A 25 19.14 19.91 -10.78
C SER A 25 19.89 18.77 -11.45
N GLY A 26 20.99 19.11 -12.12
CA GLY A 26 21.84 18.09 -12.70
C GLY A 26 21.45 17.64 -14.09
N PHE A 27 20.53 18.33 -14.73
CA PHE A 27 20.16 18.01 -16.10
C PHE A 27 19.52 19.25 -16.70
N ASP A 28 19.28 19.19 -18.00
CA ASP A 28 18.73 20.32 -18.74
C ASP A 28 17.24 20.33 -18.46
N PHE A 29 16.85 21.06 -17.41
CA PHE A 29 15.43 21.10 -17.05
C PHE A 29 14.58 21.72 -18.15
N ASP A 30 15.10 22.75 -18.82
CA ASP A 30 14.29 23.50 -19.77
C ASP A 30 13.58 22.61 -20.79
N ASN A 31 14.29 21.62 -21.32
CA ASN A 31 13.76 20.78 -22.39
C ASN A 31 13.31 19.42 -21.90
N ALA A 32 13.38 19.17 -20.60
CA ALA A 32 13.03 17.88 -20.05
C ALA A 32 11.53 17.77 -19.87
N TRP A 33 11.00 16.61 -20.22
CA TRP A 33 9.64 16.24 -19.88
C TRP A 33 9.62 15.83 -18.40
N MET A 34 8.56 16.23 -17.70
CA MET A 34 8.45 15.95 -16.27
C MET A 34 7.08 15.38 -15.94
N THR A 35 7.06 14.34 -15.12
CA THR A 35 5.87 13.57 -14.79
C THR A 35 5.64 13.56 -13.29
N TRP A 36 4.36 13.59 -12.92
CA TRP A 36 3.99 13.34 -11.54
C TRP A 36 3.38 11.93 -11.44
N VAL A 37 3.79 11.20 -10.40
CA VAL A 37 3.30 9.86 -10.09
C VAL A 37 2.96 9.87 -8.62
N ARG A 38 1.95 9.13 -8.23
CA ARG A 38 1.60 9.06 -6.83
C ARG A 38 1.44 7.63 -6.37
N GLN A 39 1.58 7.45 -5.06
CA GLN A 39 1.34 6.14 -4.48
C GLN A 39 0.48 6.19 -3.22
N PRO A 40 -0.77 5.74 -3.29
CA PRO A 40 -1.60 5.75 -2.09
C PRO A 40 -1.09 4.74 -1.09
N PRO A 41 -1.50 4.87 0.18
CA PRO A 41 -1.06 3.94 1.22
C PRO A 41 -1.32 2.50 0.84
N GLY A 42 -0.25 1.70 0.83
CA GLY A 42 -0.41 0.28 0.57
C GLY A 42 -0.92 -0.07 -0.82
N LYS A 43 -0.86 0.86 -1.76
CA LYS A 43 -1.31 0.65 -3.13
C LYS A 43 -0.13 0.83 -4.08
N GLY A 44 -0.38 0.68 -5.37
CA GLY A 44 0.66 0.81 -6.35
C GLY A 44 0.86 2.24 -6.80
N LEU A 45 1.88 2.41 -7.66
CA LEU A 45 2.15 3.67 -8.32
C LEU A 45 1.02 3.98 -9.29
N GLU A 46 0.62 5.25 -9.32
CA GLU A 46 -0.38 5.71 -10.27
C GLU A 46 0.17 6.93 -11.01
N TRP A 47 0.02 6.94 -12.33
CA TRP A 47 0.46 8.07 -13.17
C TRP A 47 -0.55 9.22 -13.00
N VAL A 48 -0.08 10.41 -12.68
CA VAL A 48 -0.96 11.59 -12.41
C VAL A 48 -1.02 12.50 -13.66
N GLY A 49 0.14 12.82 -14.22
CA GLY A 49 0.18 13.66 -15.42
C GLY A 49 1.60 13.92 -15.86
N ARG A 50 1.79 14.54 -17.02
CA ARG A 50 3.14 14.88 -17.50
C ARG A 50 3.11 16.21 -18.25
N ILE A 51 4.16 17.00 -18.10
CA ILE A 51 4.33 18.29 -18.83
C ILE A 51 5.49 18.08 -19.80
N THR A 52 5.32 18.46 -21.06
CA THR A 52 6.36 18.34 -22.09
C THR A 52 7.26 19.56 -22.08
N GLY A 53 8.18 19.66 -23.06
CA GLY A 53 9.06 20.82 -23.21
C GLY A 53 8.50 21.84 -24.21
N PRO A 54 9.26 22.88 -24.59
CA PRO A 54 8.81 23.95 -25.50
C PRO A 54 8.56 23.44 -26.92
N GLY A 55 9.23 22.35 -27.33
CA GLY A 55 9.00 21.73 -28.65
C GLY A 55 7.55 21.30 -28.79
N GLU A 56 6.91 20.87 -27.70
CA GLU A 56 5.50 20.45 -27.69
C GLU A 56 4.62 21.54 -27.08
N GLY A 57 5.18 22.72 -26.82
CA GLY A 57 4.43 23.88 -26.31
C GLY A 57 4.07 23.76 -24.84
N TRP A 58 4.84 23.01 -24.06
CA TRP A 58 4.56 22.77 -22.63
C TRP A 58 3.19 22.09 -22.49
N SER A 59 2.86 21.21 -23.42
CA SER A 59 1.58 20.45 -23.42
C SER A 59 1.51 19.60 -22.15
N VAL A 60 0.30 19.40 -21.66
CA VAL A 60 0.11 18.65 -20.41
C VAL A 60 -1.00 17.63 -20.64
N ASP A 61 -0.80 16.43 -20.12
CA ASP A 61 -1.82 15.39 -20.17
C ASP A 61 -2.01 14.87 -18.75
N TYR A 62 -3.23 14.42 -18.45
CA TYR A 62 -3.62 14.06 -17.10
C TYR A 62 -4.31 12.70 -17.09
N ALA A 63 -4.11 11.96 -15.99
CA ALA A 63 -4.88 10.75 -15.77
C ALA A 63 -6.35 11.13 -15.62
N GLU A 64 -7.25 10.27 -16.08
CA GLU A 64 -8.69 10.56 -16.00
C GLU A 64 -9.12 10.75 -14.55
N SER A 65 -8.41 10.13 -13.60
CA SER A 65 -8.76 10.23 -12.19
C SER A 65 -8.55 11.62 -11.61
N VAL A 66 -7.68 12.43 -12.20
CA VAL A 66 -7.39 13.77 -11.70
C VAL A 66 -7.74 14.85 -12.70
N LYS A 67 -8.08 14.51 -13.93
CA LYS A 67 -8.36 15.54 -14.93
C LYS A 67 -9.45 16.47 -14.41
N GLY A 68 -9.24 17.77 -14.60
CA GLY A 68 -10.18 18.77 -14.17
C GLY A 68 -10.02 19.23 -12.74
N ARG A 69 -9.18 18.55 -11.95
CA ARG A 69 -8.92 18.89 -10.56
C ARG A 69 -7.47 19.27 -10.29
N PHE A 70 -6.53 18.63 -10.96
CA PHE A 70 -5.11 18.93 -10.79
C PHE A 70 -4.63 19.70 -12.04
N THR A 71 -3.67 20.59 -11.81
CA THR A 71 -3.01 21.33 -12.87
C THR A 71 -1.50 21.21 -12.70
N ILE A 72 -0.80 20.83 -13.77
CA ILE A 72 0.65 20.74 -13.76
C ILE A 72 1.23 21.93 -14.50
N SER A 73 2.28 22.52 -13.94
CA SER A 73 2.94 23.66 -14.55
C SER A 73 4.41 23.63 -14.17
N ARG A 74 5.16 24.55 -14.76
CA ARG A 74 6.58 24.57 -14.48
C ARG A 74 7.11 25.99 -14.58
N ASP A 75 8.19 26.25 -13.84
CA ASP A 75 8.87 27.54 -13.91
C ASP A 75 10.34 27.18 -14.14
N ASN A 76 10.75 27.21 -15.41
CA ASN A 76 12.11 26.82 -15.75
C ASN A 76 13.17 27.74 -15.19
N THR A 77 12.86 29.03 -14.98
CA THR A 77 13.86 29.91 -14.38
C THR A 77 14.27 29.41 -13.00
N LYS A 78 13.38 28.69 -12.31
CA LYS A 78 13.68 28.14 -10.99
C LYS A 78 13.91 26.64 -11.02
N ASN A 79 13.91 26.02 -12.19
CA ASN A 79 14.04 24.57 -12.31
C ASN A 79 13.02 23.86 -11.44
N THR A 80 11.77 24.32 -11.48
CA THR A 80 10.76 23.77 -10.59
C THR A 80 9.51 23.35 -11.37
N LEU A 81 9.01 22.16 -11.06
CA LEU A 81 7.75 21.63 -11.57
C LEU A 81 6.74 21.73 -10.43
N TYR A 82 5.48 22.01 -10.78
CA TYR A 82 4.43 22.17 -9.79
C TYR A 82 3.26 21.24 -10.09
N LEU A 83 2.55 20.89 -9.03
CA LEU A 83 1.29 20.18 -9.13
C LEU A 83 0.30 20.96 -8.29
N GLU A 84 -0.70 21.56 -8.93
CA GLU A 84 -1.76 22.28 -8.24
C GLU A 84 -2.92 21.31 -8.05
N MET A 85 -3.20 20.93 -6.81
CA MET A 85 -4.21 19.93 -6.53
C MET A 85 -5.44 20.73 -6.09
N ASN A 86 -6.54 20.64 -6.81
CA ASN A 86 -7.80 21.25 -6.44
C ASN A 86 -8.89 20.21 -6.24
N ASN A 87 -9.99 20.62 -5.60
CA ASN A 87 -11.10 19.71 -5.30
C ASN A 87 -10.57 18.34 -4.88
N VAL A 88 -9.66 18.33 -3.91
CA VAL A 88 -9.04 17.08 -3.49
C VAL A 88 -10.09 16.12 -2.95
N ARG A 89 -9.80 14.84 -3.02
CA ARG A 89 -10.66 13.78 -2.52
C ARG A 89 -9.84 12.85 -1.64
N THR A 90 -10.51 12.07 -0.79
CA THR A 90 -9.75 11.18 0.10
C THR A 90 -8.81 10.30 -0.71
N GLU A 91 -9.22 9.92 -1.93
CA GLU A 91 -8.48 9.04 -2.82
C GLU A 91 -7.19 9.64 -3.36
N ASP A 92 -6.96 10.93 -3.15
CA ASP A 92 -5.71 11.59 -3.51
C ASP A 92 -4.64 11.46 -2.44
N THR A 93 -4.99 10.91 -1.29
CA THR A 93 -3.97 10.63 -0.30
C THR A 93 -2.88 9.74 -0.86
N GLY A 94 -1.65 10.07 -0.51
CA GLY A 94 -0.53 9.27 -0.93
C GLY A 94 0.73 10.10 -1.13
N TYR A 95 1.81 9.39 -1.42
CA TYR A 95 3.07 10.01 -1.78
C TYR A 95 3.02 10.42 -3.25
N TYR A 96 3.47 11.63 -3.52
CA TYR A 96 3.57 12.17 -4.86
C TYR A 96 5.03 12.36 -5.25
N PHE A 97 5.39 11.78 -6.37
CA PHE A 97 6.75 11.79 -6.89
C PHE A 97 6.81 12.53 -8.23
N CYS A 98 7.90 13.22 -8.46
CA CYS A 98 8.19 13.78 -9.77
C CYS A 98 9.30 12.97 -10.43
N ALA A 99 9.23 12.89 -11.75
CA ALA A 99 10.18 12.06 -12.49
C ALA A 99 10.55 12.68 -13.82
N ARG A 100 11.87 12.77 -14.04
CA ARG A 100 12.40 13.13 -15.34
C ARG A 100 12.00 12.03 -16.30
N THR A 101 11.45 12.42 -17.45
CA THR A 101 10.72 11.52 -18.34
C THR A 101 11.32 11.53 -19.73
N GLY A 102 11.44 10.34 -20.29
CA GLY A 102 11.92 10.16 -21.63
C GLY A 102 10.80 9.55 -22.44
N LYS A 103 10.89 9.68 -23.77
CA LYS A 103 9.99 9.01 -24.68
C LYS A 103 10.79 8.06 -25.55
N TYR A 104 10.42 6.78 -25.53
CA TYR A 104 11.23 5.78 -26.18
C TYR A 104 11.02 5.79 -27.69
N TYR A 105 12.14 5.68 -28.41
CA TYR A 105 12.21 5.64 -29.87
C TYR A 105 13.50 4.92 -30.27
N ASP A 106 13.49 4.31 -31.45
CA ASP A 106 14.67 3.58 -31.94
C ASP A 106 14.60 3.58 -33.46
N PHE A 107 15.33 4.50 -34.08
CA PHE A 107 15.32 4.58 -35.53
C PHE A 107 15.85 3.30 -36.14
N TRP A 108 16.89 2.73 -35.55
CA TRP A 108 17.50 1.54 -36.14
C TRP A 108 16.50 0.42 -36.33
N SER A 109 15.67 0.16 -35.32
CA SER A 109 14.72 -0.94 -35.35
C SER A 109 13.34 -0.50 -35.84
N GLY A 110 13.21 0.76 -36.27
CA GLY A 110 11.98 1.26 -36.84
C GLY A 110 10.85 1.35 -35.83
N TYR A 111 11.20 1.61 -34.58
CA TYR A 111 10.23 1.80 -33.52
C TYR A 111 9.88 3.28 -33.43
N PRO A 112 8.67 3.70 -33.78
CA PRO A 112 8.32 5.12 -33.77
C PRO A 112 8.21 5.63 -32.34
N PRO A 113 8.25 6.93 -32.13
CA PRO A 113 8.16 7.46 -30.76
C PRO A 113 6.91 6.98 -30.07
N GLY A 114 7.11 6.43 -28.88
CA GLY A 114 6.09 5.65 -28.28
C GLY A 114 5.86 5.95 -26.82
N GLU A 115 6.04 4.93 -26.00
CA GLU A 115 5.74 5.04 -24.59
C GLU A 115 6.75 5.94 -23.88
N GLU A 116 6.33 6.46 -22.72
CA GLU A 116 7.17 7.28 -21.87
C GLU A 116 7.77 6.41 -20.78
N TYR A 117 8.94 6.79 -20.28
CA TYR A 117 9.56 6.07 -19.18
C TYR A 117 10.26 7.05 -18.24
N PHE A 118 10.47 6.62 -17.01
CA PHE A 118 10.71 7.56 -15.93
C PHE A 118 12.13 7.34 -15.43
N GLN A 119 13.03 8.18 -15.96
CA GLN A 119 14.45 7.90 -15.83
C GLN A 119 15.02 8.24 -14.46
N ASP A 120 14.49 9.25 -13.78
CA ASP A 120 14.97 9.65 -12.47
C ASP A 120 13.80 10.16 -11.63
N TRP A 121 13.80 9.82 -10.36
CA TRP A 121 12.64 10.06 -9.52
C TRP A 121 13.13 10.77 -8.26
N GLY A 122 12.28 11.62 -7.70
CA GLY A 122 12.52 12.13 -6.35
C GLY A 122 11.98 11.15 -5.32
N GLN A 123 12.17 11.49 -4.05
CA GLN A 123 11.77 10.62 -2.95
C GLN A 123 10.29 10.74 -2.58
N GLY A 124 9.61 11.76 -3.08
CA GLY A 124 8.19 11.90 -2.90
C GLY A 124 7.85 12.84 -1.75
N THR A 125 6.63 13.37 -1.79
CA THR A 125 6.04 14.09 -0.67
C THR A 125 4.64 13.58 -0.34
N LEU A 126 4.33 13.51 0.95
CA LEU A 126 3.10 12.88 1.42
C LEU A 126 1.97 13.90 1.49
N VAL A 127 0.86 13.58 0.84
CA VAL A 127 -0.37 14.36 0.98
C VAL A 127 -1.40 13.49 1.67
N ILE A 128 -2.01 14.02 2.72
CA ILE A 128 -3.10 13.38 3.45
C ILE A 128 -4.35 14.24 3.25
N VAL A 129 -5.37 13.64 2.69
CA VAL A 129 -6.64 14.32 2.50
C VAL A 129 -7.57 13.81 3.58
N SER A 130 -7.92 14.69 4.51
CA SER A 130 -8.89 14.34 5.54
C SER A 130 -9.54 15.62 6.04
N SER A 131 -10.85 15.54 6.30
CA SER A 131 -11.61 16.66 6.85
C SER A 131 -11.45 16.76 8.36
N ALA A 132 -10.66 15.86 8.94
CA ALA A 132 -10.64 15.66 10.37
C ALA A 132 -9.79 16.72 11.06
N SER A 133 -10.15 17.00 12.28
CA SER A 133 -9.29 17.64 13.23
C SER A 133 -9.09 16.67 14.38
N THR A 134 -8.37 17.13 15.40
CA THR A 134 -7.94 16.24 16.48
C THR A 134 -9.14 15.54 17.10
N LYS A 135 -8.99 14.23 17.26
CA LYS A 135 -10.09 13.34 17.64
C LYS A 135 -9.48 12.14 18.36
N GLY A 136 -9.85 11.97 19.64
CA GLY A 136 -9.25 10.91 20.41
C GLY A 136 -9.86 9.56 20.05
N PRO A 137 -9.13 8.48 20.30
CA PRO A 137 -9.65 7.15 19.99
C PRO A 137 -10.72 6.67 20.94
N SER A 138 -11.51 5.77 20.42
CA SER A 138 -12.38 4.89 21.18
C SER A 138 -11.74 3.52 21.21
N VAL A 139 -11.69 2.92 22.39
CA VAL A 139 -10.95 1.68 22.58
C VAL A 139 -11.94 0.58 22.97
N PHE A 140 -11.90 -0.50 22.22
CA PHE A 140 -12.76 -1.62 22.51
C PHE A 140 -11.90 -2.85 22.73
N PRO A 141 -12.30 -3.71 23.67
CA PRO A 141 -11.57 -4.95 23.88
C PRO A 141 -11.79 -5.92 22.72
N LEU A 142 -10.74 -6.64 22.38
CA LEU A 142 -10.79 -7.84 21.54
C LEU A 142 -10.65 -8.98 22.54
N ALA A 143 -11.78 -9.43 23.09
CA ALA A 143 -11.74 -10.30 24.27
C ALA A 143 -11.29 -11.71 23.90
N PRO A 144 -10.47 -12.38 24.75
CA PRO A 144 -10.07 -13.72 24.45
C PRO A 144 -11.29 -14.65 24.59
N SER A 145 -11.34 -15.69 23.78
CA SER A 145 -12.49 -16.63 23.73
C SER A 145 -12.00 -17.98 23.22
N SER A 146 -12.90 -18.96 23.24
CA SER A 146 -12.56 -20.30 22.69
C SER A 146 -12.17 -20.11 21.23
N LYS A 147 -12.84 -19.18 20.56
CA LYS A 147 -12.52 -18.85 19.15
C LYS A 147 -11.14 -18.19 19.05
N SER A 148 -10.68 -17.44 20.04
CA SER A 148 -9.38 -16.77 19.86
C SER A 148 -8.27 -17.68 20.38
N THR A 149 -8.62 -18.86 20.84
CA THR A 149 -7.58 -19.70 21.47
C THR A 149 -7.28 -20.97 20.68
N SER A 150 -6.02 -21.36 20.66
CA SER A 150 -5.65 -22.66 20.05
C SER A 150 -4.86 -23.43 21.11
N GLY A 151 -5.55 -24.30 21.84
CA GLY A 151 -4.91 -25.04 22.92
C GLY A 151 -4.39 -24.10 23.99
N GLY A 152 -3.08 -24.13 24.19
CA GLY A 152 -2.42 -23.42 25.27
C GLY A 152 -2.10 -21.97 25.02
N THR A 153 -2.48 -21.43 23.87
CA THR A 153 -2.24 -20.01 23.58
C THR A 153 -3.54 -19.35 23.18
N ALA A 154 -3.76 -18.15 23.71
CA ALA A 154 -4.94 -17.34 23.42
C ALA A 154 -4.49 -15.99 22.88
N ALA A 155 -5.24 -15.50 21.92
CA ALA A 155 -5.08 -14.12 21.45
C ALA A 155 -6.10 -13.23 22.13
N LEU A 156 -5.65 -12.03 22.52
CA LEU A 156 -6.51 -10.94 22.96
C LEU A 156 -5.92 -9.61 22.53
N GLY A 157 -6.73 -8.56 22.56
CA GLY A 157 -6.18 -7.30 22.14
C GLY A 157 -7.13 -6.15 22.37
N CYS A 158 -6.78 -5.02 21.76
CA CYS A 158 -7.50 -3.75 21.87
C CYS A 158 -7.63 -3.19 20.45
N LEU A 159 -8.83 -2.73 20.13
CA LEU A 159 -9.14 -2.10 18.88
C LEU A 159 -9.21 -0.62 19.17
N VAL A 160 -8.45 0.17 18.45
CA VAL A 160 -8.35 1.60 18.70
C VAL A 160 -8.94 2.30 17.47
N LYS A 161 -10.13 2.89 17.63
CA LYS A 161 -10.96 3.29 16.50
C LYS A 161 -11.05 4.80 16.36
N ASP A 162 -10.95 5.23 15.10
CA ASP A 162 -11.40 6.53 14.60
C ASP A 162 -10.76 7.68 15.37
N TYR A 163 -9.42 7.73 15.28
CA TYR A 163 -8.66 8.83 15.84
C TYR A 163 -7.95 9.61 14.74
N PHE A 164 -7.46 10.78 15.13
CA PHE A 164 -6.75 11.68 14.23
C PHE A 164 -6.05 12.77 15.04
N PRO A 165 -4.85 13.19 14.65
CA PRO A 165 -3.99 12.57 13.64
C PRO A 165 -3.20 11.42 14.26
N GLU A 166 -2.29 10.85 13.46
CA GLU A 166 -1.32 9.90 13.99
C GLU A 166 -0.40 10.67 14.92
N PRO A 167 0.27 10.01 15.87
CA PRO A 167 0.33 8.57 16.12
C PRO A 167 -0.42 8.18 17.39
N VAL A 168 -0.80 6.91 17.45
CA VAL A 168 -1.22 6.26 18.68
C VAL A 168 -0.16 5.24 19.03
N THR A 169 0.20 5.20 20.32
CA THR A 169 1.06 4.16 20.87
C THR A 169 0.25 3.30 21.81
N VAL A 170 0.56 2.01 21.81
CA VAL A 170 -0.13 1.05 22.65
C VAL A 170 0.93 0.29 23.44
N SER A 171 0.79 0.27 24.75
CA SER A 171 1.50 -0.67 25.61
C SER A 171 0.51 -1.63 26.27
N TRP A 172 1.07 -2.67 26.89
CA TRP A 172 0.31 -3.65 27.63
C TRP A 172 0.90 -3.74 29.03
N ASN A 173 0.05 -3.73 30.05
CA ASN A 173 0.47 -3.78 31.44
C ASN A 173 1.54 -2.73 31.73
N SER A 174 1.35 -1.52 31.19
CA SER A 174 2.26 -0.39 31.41
C SER A 174 3.68 -0.68 30.94
N GLY A 175 3.82 -1.47 29.89
CA GLY A 175 5.10 -1.89 29.40
C GLY A 175 5.67 -3.15 30.02
N ALA A 176 5.04 -3.71 31.05
CA ALA A 176 5.58 -4.94 31.64
C ALA A 176 5.40 -6.14 30.71
N LEU A 177 4.48 -6.07 29.76
CA LEU A 177 4.20 -7.20 28.88
C LEU A 177 4.59 -6.80 27.47
N THR A 178 5.64 -7.41 26.99
CA THR A 178 6.14 -7.19 25.65
C THR A 178 6.19 -8.47 24.82
N SER A 179 6.49 -9.61 25.42
CA SER A 179 6.50 -10.87 24.67
C SER A 179 5.13 -11.11 24.05
N GLY A 180 5.12 -11.43 22.77
CA GLY A 180 3.92 -11.79 22.06
C GLY A 180 3.02 -10.64 21.69
N VAL A 181 3.50 -9.40 21.84
CA VAL A 181 2.70 -8.21 21.55
C VAL A 181 3.00 -7.78 20.13
N HIS A 182 1.97 -7.52 19.35
CA HIS A 182 2.15 -6.83 18.09
C HIS A 182 1.10 -5.75 17.98
N THR A 183 1.55 -4.53 17.78
CA THR A 183 0.65 -3.42 17.47
C THR A 183 0.74 -3.16 15.98
N PHE A 184 -0.38 -3.19 15.32
CA PHE A 184 -0.37 -3.09 13.87
C PHE A 184 -0.31 -1.65 13.36
N PRO A 185 0.15 -1.46 12.13
CA PRO A 185 0.09 -0.12 11.52
C PRO A 185 -1.34 0.35 11.36
N ALA A 186 -1.55 1.65 11.42
CA ALA A 186 -2.91 2.15 11.33
C ALA A 186 -3.41 2.08 9.91
N VAL A 187 -4.71 1.95 9.78
CA VAL A 187 -5.39 2.15 8.52
C VAL A 187 -6.00 3.54 8.52
N LEU A 188 -5.73 4.30 7.46
CA LEU A 188 -6.46 5.53 7.18
C LEU A 188 -7.72 5.13 6.44
N GLN A 189 -8.87 5.33 7.04
CA GLN A 189 -10.16 4.95 6.47
C GLN A 189 -10.70 6.03 5.57
N SER A 190 -11.69 5.65 4.75
CA SER A 190 -12.34 6.64 3.88
C SER A 190 -12.91 7.82 4.67
N SER A 191 -13.16 7.64 5.96
CA SER A 191 -13.68 8.71 6.79
C SER A 191 -12.66 9.83 7.04
N GLY A 192 -11.38 9.60 6.75
CA GLY A 192 -10.34 10.52 7.14
C GLY A 192 -9.79 10.27 8.52
N LEU A 193 -10.22 9.21 9.18
CA LEU A 193 -9.81 8.86 10.52
C LEU A 193 -9.06 7.55 10.51
N TYR A 194 -8.16 7.40 11.49
CA TYR A 194 -7.33 6.24 11.62
C TYR A 194 -7.94 5.23 12.59
N SER A 195 -7.59 3.95 12.38
CA SER A 195 -7.86 2.89 13.35
C SER A 195 -6.68 1.94 13.34
N LEU A 196 -6.40 1.34 14.49
CA LEU A 196 -5.43 0.26 14.55
C LEU A 196 -5.84 -0.70 15.66
N SER A 197 -5.11 -1.80 15.74
CA SER A 197 -5.32 -2.86 16.71
C SER A 197 -3.98 -3.22 17.30
N SER A 198 -4.02 -3.65 18.54
CA SER A 198 -2.90 -4.28 19.21
C SER A 198 -3.33 -5.63 19.73
N VAL A 199 -2.54 -6.66 19.43
CA VAL A 199 -2.81 -8.02 19.83
C VAL A 199 -1.68 -8.56 20.70
N VAL A 200 -2.06 -9.40 21.64
CA VAL A 200 -1.12 -10.15 22.45
C VAL A 200 -1.53 -11.61 22.51
N THR A 201 -0.56 -12.48 22.30
CA THR A 201 -0.74 -13.91 22.44
C THR A 201 -0.14 -14.30 23.79
N VAL A 202 -0.96 -14.95 24.62
CA VAL A 202 -0.63 -15.18 26.02
C VAL A 202 -0.96 -16.63 26.32
N PRO A 203 -0.52 -17.17 27.46
CA PRO A 203 -0.92 -18.54 27.84
C PRO A 203 -2.41 -18.62 28.19
N SER A 204 -3.11 -19.58 27.56
CA SER A 204 -4.52 -19.77 27.86
C SER A 204 -4.74 -20.09 29.33
N SER A 205 -3.78 -20.79 29.95
CA SER A 205 -3.90 -21.07 31.37
C SER A 205 -3.92 -19.79 32.20
N SER A 206 -3.33 -18.70 31.70
CA SER A 206 -3.20 -17.46 32.45
C SER A 206 -4.47 -16.60 32.44
N LEU A 207 -5.46 -16.94 31.62
CA LEU A 207 -6.57 -16.01 31.41
C LEU A 207 -7.39 -15.77 32.67
N GLY A 208 -7.58 -16.79 33.49
CA GLY A 208 -8.29 -16.56 34.74
C GLY A 208 -7.53 -15.62 35.66
N THR A 209 -6.22 -15.79 35.72
CA THR A 209 -5.45 -15.19 36.79
C THR A 209 -4.86 -13.84 36.41
N GLN A 210 -4.16 -13.77 35.28
CA GLN A 210 -3.36 -12.60 34.97
C GLN A 210 -4.20 -11.47 34.36
N THR A 211 -3.94 -10.26 34.84
CA THR A 211 -4.57 -9.07 34.31
C THR A 211 -3.87 -8.63 33.03
N TYR A 212 -4.65 -8.28 32.02
CA TYR A 212 -4.13 -7.75 30.77
C TYR A 212 -4.83 -6.44 30.51
N ILE A 213 -4.05 -5.37 30.42
CA ILE A 213 -4.55 -4.01 30.23
C ILE A 213 -3.81 -3.38 29.05
N CYS A 214 -4.55 -2.91 28.06
CA CYS A 214 -3.86 -2.17 27.01
C CYS A 214 -3.86 -0.69 27.37
N ASN A 215 -2.70 -0.04 27.22
CA ASN A 215 -2.56 1.38 27.51
C ASN A 215 -2.45 2.12 26.17
N VAL A 216 -3.50 2.86 25.81
CA VAL A 216 -3.55 3.55 24.53
C VAL A 216 -3.21 5.02 24.75
N ASN A 217 -2.17 5.50 24.09
CA ASN A 217 -1.79 6.91 24.18
C ASN A 217 -2.05 7.59 22.85
N HIS A 218 -2.81 8.68 22.87
CA HIS A 218 -3.04 9.55 21.69
C HIS A 218 -2.67 10.98 22.13
N LYS A 219 -1.40 11.32 22.11
CA LYS A 219 -0.89 12.61 22.60
C LYS A 219 -1.47 13.77 21.78
N PRO A 220 -1.78 13.63 20.48
CA PRO A 220 -2.38 14.76 19.77
C PRO A 220 -3.69 15.24 20.42
N SER A 221 -4.51 14.31 20.94
CA SER A 221 -5.78 14.64 21.64
C SER A 221 -5.55 14.71 23.16
N ASN A 222 -4.33 14.55 23.66
CA ASN A 222 -4.10 14.55 25.10
C ASN A 222 -4.95 13.49 25.80
N THR A 223 -4.99 12.30 25.20
CA THR A 223 -5.87 11.26 25.66
C THR A 223 -5.01 10.06 26.05
N LYS A 224 -5.34 9.42 27.16
CA LYS A 224 -4.82 8.12 27.47
C LYS A 224 -5.99 7.23 27.87
N VAL A 225 -6.03 6.02 27.33
CA VAL A 225 -7.11 5.10 27.67
C VAL A 225 -6.45 3.82 28.14
N ASP A 226 -6.88 3.30 29.27
CA ASP A 226 -6.49 1.97 29.74
C ASP A 226 -7.72 1.09 29.68
N LYS A 227 -7.60 -0.07 29.04
CA LYS A 227 -8.73 -0.98 28.93
C LYS A 227 -8.31 -2.35 29.44
N LYS A 228 -8.94 -2.81 30.50
CA LYS A 228 -8.63 -4.15 31.01
C LYS A 228 -9.40 -5.12 30.12
N VAL A 229 -8.73 -6.11 29.54
CA VAL A 229 -9.35 -7.00 28.56
C VAL A 229 -9.54 -8.36 29.20
N GLU A 230 -10.77 -8.81 29.28
CA GLU A 230 -11.07 -10.07 29.95
C GLU A 230 -11.85 -10.99 29.02
N PRO A 231 -11.91 -12.29 29.34
CA PRO A 231 -12.78 -13.19 28.56
C PRO A 231 -14.24 -12.80 28.68
N LYS A 232 -14.98 -13.09 27.62
CA LYS A 232 -16.40 -12.78 27.49
C LYS A 232 -17.23 -13.91 28.14
N SER B 1 -7.10 -0.05 -15.03
CA SER B 1 -6.43 -1.31 -14.77
C SER B 1 -6.08 -2.00 -16.09
N GLU B 2 -5.42 -1.27 -17.00
CA GLU B 2 -5.12 -1.85 -18.31
C GLU B 2 -3.86 -2.69 -18.30
N LEU B 3 -3.00 -2.54 -17.30
CA LEU B 3 -1.84 -3.42 -17.15
C LEU B 3 -2.00 -4.20 -15.84
N THR B 4 -2.00 -5.52 -15.94
CA THR B 4 -2.26 -6.39 -14.80
C THR B 4 -1.03 -7.23 -14.50
N GLN B 5 -0.71 -7.33 -13.21
CA GLN B 5 0.42 -8.08 -12.70
C GLN B 5 -0.07 -8.90 -11.52
N ASP B 6 0.50 -10.09 -11.33
CA ASP B 6 0.23 -10.84 -10.10
C ASP B 6 0.72 -10.03 -8.90
N PRO B 7 -0.02 -9.99 -7.80
CA PRO B 7 0.40 -9.14 -6.67
C PRO B 7 1.63 -9.65 -5.94
N ALA B 8 1.97 -10.94 -6.05
CA ALA B 8 3.12 -11.43 -5.31
C ALA B 8 3.75 -12.67 -5.94
N VAL B 9 5.07 -12.71 -5.88
CA VAL B 9 5.85 -13.85 -6.35
C VAL B 9 7.04 -14.03 -5.42
N SER B 10 7.54 -15.24 -5.34
CA SER B 10 8.75 -15.47 -4.57
C SER B 10 9.73 -16.23 -5.43
N VAL B 11 11.00 -16.08 -5.07
CA VAL B 11 12.14 -16.66 -5.78
C VAL B 11 13.19 -17.06 -4.75
N ALA B 12 13.85 -18.17 -5.00
CA ALA B 12 14.97 -18.55 -4.18
C ALA B 12 16.26 -17.94 -4.73
N LEU B 13 17.24 -17.79 -3.85
CA LEU B 13 18.50 -17.20 -4.28
C LEU B 13 19.04 -17.98 -5.46
N LYS B 14 19.62 -17.26 -6.41
CA LYS B 14 20.27 -17.80 -7.61
C LYS B 14 19.27 -18.35 -8.62
N GLN B 15 17.98 -18.39 -8.27
CA GLN B 15 17.02 -18.92 -9.23
C GLN B 15 16.56 -17.78 -10.14
N THR B 16 15.86 -18.14 -11.21
CA THR B 16 15.34 -17.19 -12.18
C THR B 16 13.86 -17.00 -11.94
N VAL B 17 13.42 -15.74 -11.94
CA VAL B 17 11.98 -15.41 -11.75
C VAL B 17 11.61 -14.46 -12.87
N THR B 18 10.41 -14.58 -13.40
CA THR B 18 9.89 -13.67 -14.42
C THR B 18 8.64 -13.01 -13.81
N ILE B 19 8.58 -11.67 -13.84
CA ILE B 19 7.41 -10.90 -13.36
C ILE B 19 6.76 -10.39 -14.63
N THR B 20 5.49 -10.63 -14.85
CA THR B 20 4.85 -10.32 -16.13
C THR B 20 3.66 -9.37 -16.01
N CYS B 21 3.61 -8.36 -16.86
CA CYS B 21 2.45 -7.46 -16.96
C CYS B 21 1.69 -7.88 -18.21
N ARG B 22 0.38 -7.82 -18.18
CA ARG B 22 -0.43 -8.21 -19.34
C ARG B 22 -1.30 -7.01 -19.69
N GLY B 23 -1.30 -6.60 -20.93
CA GLY B 23 -2.19 -5.54 -21.38
C GLY B 23 -2.29 -5.52 -22.87
N ASP B 24 -3.43 -5.08 -23.39
CA ASP B 24 -3.64 -4.97 -24.85
C ASP B 24 -2.62 -3.97 -25.41
N SER B 25 -2.28 -2.91 -24.69
CA SER B 25 -1.34 -1.94 -25.24
C SER B 25 0.08 -2.49 -25.34
N LEU B 26 0.38 -3.54 -24.59
CA LEU B 26 1.70 -4.13 -24.68
C LEU B 26 1.93 -4.93 -25.95
N ARG B 27 0.90 -5.20 -26.76
CA ARG B 27 1.15 -5.81 -28.06
C ARG B 27 1.89 -4.85 -28.97
N SER B 28 1.66 -3.54 -28.78
CA SER B 28 2.20 -2.50 -29.64
C SER B 28 3.34 -1.71 -29.01
N PHE B 29 3.47 -1.72 -27.69
CA PHE B 29 4.46 -0.94 -26.99
C PHE B 29 5.29 -1.83 -26.09
N TYR B 30 6.56 -1.51 -26.00
CA TYR B 30 7.39 -1.95 -24.91
C TYR B 30 6.93 -1.32 -23.60
N ALA B 31 7.31 -1.94 -22.49
CA ALA B 31 7.03 -1.49 -21.15
C ALA B 31 8.36 -1.21 -20.47
N SER B 32 8.35 -0.25 -19.57
CA SER B 32 9.49 0.00 -18.71
C SER B 32 9.16 -0.61 -17.36
N TRP B 33 10.21 -0.90 -16.60
CA TRP B 33 10.09 -1.58 -15.34
C TRP B 33 10.81 -0.79 -14.27
N TYR B 34 10.22 -0.81 -13.07
CA TYR B 34 10.63 -0.02 -11.93
C TYR B 34 10.69 -0.90 -10.69
N GLN B 35 11.72 -0.65 -9.90
CA GLN B 35 11.88 -1.27 -8.60
C GLN B 35 11.54 -0.23 -7.55
N LYS B 36 10.76 -0.62 -6.55
CA LYS B 36 10.41 0.25 -5.43
C LYS B 36 10.57 -0.49 -4.11
N LYS B 37 11.43 0.02 -3.24
CA LYS B 37 11.63 -0.46 -1.89
C LYS B 37 10.99 0.53 -0.92
N PRO B 38 10.50 0.06 0.23
CA PRO B 38 9.92 1.01 1.19
C PRO B 38 10.93 2.08 1.55
N GLY B 39 10.45 3.32 1.62
CA GLY B 39 11.27 4.44 2.01
C GLY B 39 12.18 4.97 0.94
N GLN B 40 12.14 4.41 -0.27
CA GLN B 40 13.06 4.77 -1.33
C GLN B 40 12.29 5.14 -2.58
N ALA B 41 12.87 6.03 -3.38
CA ALA B 41 12.26 6.38 -4.66
C ALA B 41 12.26 5.17 -5.57
N PRO B 42 11.26 5.06 -6.47
CA PRO B 42 11.37 4.08 -7.56
C PRO B 42 12.63 4.32 -8.39
N VAL B 43 13.15 3.21 -8.93
CA VAL B 43 14.31 3.19 -9.81
C VAL B 43 13.96 2.48 -11.10
N LEU B 44 14.36 3.06 -12.22
CA LEU B 44 14.13 2.53 -13.56
C LEU B 44 15.11 1.41 -13.82
N LEU B 45 14.59 0.24 -14.15
CA LEU B 45 15.46 -0.91 -14.32
C LEU B 45 15.75 -1.24 -15.76
N PHE B 46 14.80 -0.98 -16.65
CA PHE B 46 14.83 -1.46 -18.01
C PHE B 46 13.69 -0.82 -18.74
N TYR B 47 13.92 -0.54 -20.03
CA TYR B 47 12.88 0.02 -20.87
C TYR B 47 13.13 -0.33 -22.32
N GLY B 48 12.09 -0.11 -23.14
CA GLY B 48 12.27 -0.22 -24.57
C GLY B 48 12.52 -1.67 -24.96
N LYS B 49 13.18 -1.84 -26.09
CA LYS B 49 13.47 -3.20 -26.54
C LYS B 49 14.49 -3.86 -25.61
N ASN B 50 15.60 -3.17 -25.32
CA ASN B 50 16.70 -3.84 -24.64
C ASN B 50 17.55 -2.86 -23.88
N ASN B 51 16.96 -1.79 -23.32
CA ASN B 51 17.74 -0.73 -22.69
C ASN B 51 17.73 -0.90 -21.17
N ARG B 52 18.94 -0.98 -20.60
CA ARG B 52 19.18 -1.11 -19.17
C ARG B 52 20.02 0.10 -18.78
N PRO B 53 19.52 0.96 -17.91
CA PRO B 53 20.30 2.14 -17.52
C PRO B 53 21.61 1.72 -16.89
N SER B 54 22.63 2.54 -17.07
CA SER B 54 23.89 2.30 -16.36
C SER B 54 23.60 2.31 -14.86
N GLY B 55 24.30 1.45 -14.13
CA GLY B 55 24.01 1.27 -12.73
C GLY B 55 23.06 0.14 -12.40
N ILE B 56 22.26 -0.31 -13.36
CA ILE B 56 21.33 -1.42 -13.12
C ILE B 56 22.06 -2.74 -13.40
N PRO B 57 22.06 -3.69 -12.47
CA PRO B 57 22.82 -4.93 -12.70
C PRO B 57 22.27 -5.67 -13.91
N ASP B 58 23.17 -6.32 -14.64
CA ASP B 58 22.75 -6.95 -15.89
C ASP B 58 21.89 -8.20 -15.66
N ARG B 59 21.68 -8.65 -14.43
CA ARG B 59 20.75 -9.76 -14.25
C ARG B 59 19.29 -9.38 -14.43
N PHE B 60 18.98 -8.10 -14.54
CA PHE B 60 17.65 -7.66 -14.94
C PHE B 60 17.58 -7.51 -16.46
N SER B 61 16.60 -8.16 -17.05
CA SER B 61 16.39 -8.09 -18.48
C SER B 61 14.91 -8.08 -18.73
N GLY B 62 14.50 -7.24 -19.67
CA GLY B 62 13.10 -7.12 -20.07
C GLY B 62 12.90 -7.78 -21.41
N SER B 63 11.74 -8.40 -21.59
CA SER B 63 11.33 -9.06 -22.80
C SER B 63 9.86 -8.74 -23.05
N ALA B 64 9.40 -9.10 -24.24
CA ALA B 64 8.01 -8.89 -24.60
C ALA B 64 7.61 -10.00 -25.56
N SER B 65 6.40 -10.51 -25.38
CA SER B 65 5.78 -11.39 -26.37
C SER B 65 4.28 -11.28 -26.21
N GLY B 66 3.58 -11.19 -27.34
CA GLY B 66 2.13 -11.00 -27.31
C GLY B 66 1.74 -9.77 -26.51
N ASN B 67 0.78 -9.95 -25.61
CA ASN B 67 0.33 -8.89 -24.70
C ASN B 67 1.03 -8.93 -23.36
N ARG B 68 2.19 -9.56 -23.28
CA ARG B 68 2.93 -9.63 -22.01
C ARG B 68 4.29 -8.98 -22.10
N ALA B 69 4.58 -8.16 -21.10
CA ALA B 69 5.89 -7.59 -20.90
C ALA B 69 6.45 -8.28 -19.67
N SER B 70 7.70 -8.68 -19.73
CA SER B 70 8.28 -9.48 -18.67
C SER B 70 9.63 -8.94 -18.23
N LEU B 71 9.82 -8.91 -16.93
CA LEU B 71 11.11 -8.62 -16.32
C LEU B 71 11.58 -9.93 -15.71
N THR B 72 12.71 -10.38 -16.19
CA THR B 72 13.37 -11.61 -15.74
C THR B 72 14.61 -11.21 -14.96
N ILE B 73 14.69 -11.69 -13.74
CA ILE B 73 15.89 -11.64 -12.91
C ILE B 73 16.50 -13.03 -13.00
N THR B 74 17.59 -13.12 -13.74
CA THR B 74 18.32 -14.37 -13.90
C THR B 74 19.34 -14.44 -12.77
N GLY B 75 19.02 -15.21 -11.73
CA GLY B 75 19.87 -15.33 -10.55
C GLY B 75 19.58 -14.32 -9.46
N ALA B 76 18.40 -14.47 -8.85
CA ALA B 76 17.92 -13.50 -7.88
C ALA B 76 18.91 -13.42 -6.72
N GLN B 77 19.05 -12.23 -6.15
CA GLN B 77 19.85 -11.94 -4.97
C GLN B 77 18.97 -11.26 -3.94
N ALA B 78 19.43 -11.25 -2.67
CA ALA B 78 18.57 -10.82 -1.56
C ALA B 78 18.12 -9.38 -1.77
N GLU B 79 18.99 -8.53 -2.31
CA GLU B 79 18.68 -7.11 -2.52
C GLU B 79 17.65 -6.88 -3.63
N ASP B 80 17.31 -7.92 -4.37
CA ASP B 80 16.24 -7.84 -5.35
C ASP B 80 14.85 -7.90 -4.71
N GLU B 81 14.73 -8.12 -3.42
CA GLU B 81 13.41 -8.14 -2.79
C GLU B 81 12.84 -6.71 -2.79
N ALA B 82 11.66 -6.52 -3.38
CA ALA B 82 11.21 -5.19 -3.78
C ALA B 82 9.84 -5.37 -4.41
N ASP B 83 9.13 -4.25 -4.55
CA ASP B 83 7.97 -4.23 -5.45
C ASP B 83 8.44 -3.84 -6.84
N TYR B 84 7.80 -4.42 -7.85
CA TYR B 84 8.21 -4.23 -9.23
C TYR B 84 6.98 -3.80 -9.98
N TYR B 85 7.10 -2.71 -10.73
CA TYR B 85 6.01 -2.14 -11.49
C TYR B 85 6.37 -2.05 -12.95
N CYS B 86 5.43 -2.37 -13.82
CA CYS B 86 5.65 -2.04 -15.21
C CYS B 86 4.89 -0.77 -15.55
N SER B 87 5.28 -0.14 -16.65
CA SER B 87 4.57 1.04 -17.10
C SER B 87 4.58 1.06 -18.61
N SER B 88 3.47 1.47 -19.19
CA SER B 88 3.44 1.65 -20.63
C SER B 88 2.28 2.57 -20.98
N ARG B 89 2.00 2.66 -22.28
CA ARG B 89 0.80 3.33 -22.72
C ARG B 89 -0.42 2.57 -22.19
N ASP B 90 -1.53 3.28 -21.98
CA ASP B 90 -2.82 2.64 -21.62
C ASP B 90 -3.40 2.09 -22.94
N LYS B 91 -3.24 2.85 -24.03
CA LYS B 91 -3.78 2.43 -25.35
C LYS B 91 -3.03 3.07 -26.51
N SER B 92 -3.08 2.43 -27.68
CA SER B 92 -2.53 3.03 -28.91
C SER B 92 -3.25 4.35 -29.15
N GLY B 93 -2.51 5.36 -29.58
CA GLY B 93 -3.08 6.70 -29.82
C GLY B 93 -3.28 7.51 -28.55
N SER B 94 -2.73 7.07 -27.42
CA SER B 94 -2.91 7.78 -26.12
C SER B 94 -1.67 8.58 -25.75
N ARG B 95 -1.87 9.77 -25.19
CA ARG B 95 -0.79 10.60 -24.64
C ARG B 95 -0.65 10.28 -23.13
N LEU B 96 -1.43 9.33 -22.61
CA LEU B 96 -1.43 8.97 -21.18
C LEU B 96 -0.48 7.81 -20.91
N SER B 97 -0.10 7.63 -19.66
CA SER B 97 0.72 6.50 -19.21
C SER B 97 -0.04 5.80 -18.08
N VAL B 98 0.35 4.57 -17.81
CA VAL B 98 -0.27 3.77 -16.77
C VAL B 98 0.77 2.80 -16.24
N PHE B 99 0.57 2.42 -14.98
CA PHE B 99 1.38 1.44 -14.28
C PHE B 99 0.54 0.19 -14.03
N GLY B 100 1.21 -0.94 -14.02
CA GLY B 100 0.62 -2.16 -13.49
C GLY B 100 0.46 -2.04 -12.01
N GLY B 101 -0.32 -2.97 -11.45
CA GLY B 101 -0.67 -2.95 -10.04
C GLY B 101 0.50 -3.19 -9.10
N GLY B 102 1.60 -3.70 -9.63
CA GLY B 102 2.78 -4.00 -8.83
C GLY B 102 2.82 -5.46 -8.45
N THR B 103 4.03 -5.99 -8.40
CA THR B 103 4.27 -7.34 -7.94
C THR B 103 5.26 -7.23 -6.80
N LYS B 104 4.90 -7.74 -5.62
CA LYS B 104 5.87 -7.89 -4.54
C LYS B 104 6.71 -9.16 -4.78
N LEU B 105 8.02 -8.96 -4.92
CA LEU B 105 8.97 -10.06 -5.05
C LEU B 105 9.62 -10.32 -3.70
N THR B 106 9.39 -11.50 -3.17
CA THR B 106 10.12 -11.96 -2.00
C THR B 106 11.26 -12.83 -2.48
N VAL B 107 12.45 -12.58 -1.95
CA VAL B 107 13.61 -13.44 -2.20
C VAL B 107 13.74 -14.32 -0.95
N LEU B 108 13.42 -15.60 -1.10
CA LEU B 108 13.28 -16.46 0.04
C LEU B 108 14.59 -16.55 0.79
N SER B 109 14.51 -16.32 2.08
CA SER B 109 15.59 -16.60 3.00
C SER B 109 15.35 -17.88 3.77
N GLN B 110 14.19 -18.52 3.53
CA GLN B 110 13.61 -19.49 4.44
C GLN B 110 12.64 -20.35 3.64
N PRO B 111 12.29 -21.53 4.15
CA PRO B 111 11.05 -22.17 3.67
C PRO B 111 9.81 -21.33 3.98
N LYS B 112 8.89 -21.32 3.02
CA LYS B 112 7.62 -20.64 3.19
C LYS B 112 6.88 -21.18 4.42
N ALA B 113 6.00 -20.33 4.99
CA ALA B 113 5.25 -20.58 6.21
C ALA B 113 3.79 -20.13 6.11
N ALA B 114 2.88 -20.97 6.60
CA ALA B 114 1.45 -20.72 6.50
C ALA B 114 0.97 -19.76 7.59
N PRO B 115 -0.08 -18.99 7.34
CA PRO B 115 -0.59 -18.06 8.34
C PRO B 115 -1.47 -18.68 9.41
N SER B 116 -1.44 -18.04 10.56
CA SER B 116 -2.39 -18.22 11.65
C SER B 116 -3.37 -17.06 11.59
N VAL B 117 -4.64 -17.35 11.84
CA VAL B 117 -5.72 -16.39 11.65
C VAL B 117 -6.60 -16.42 12.89
N THR B 118 -6.92 -15.25 13.38
CA THR B 118 -7.85 -15.10 14.48
C THR B 118 -8.82 -14.02 14.10
N LEU B 119 -10.11 -14.33 14.17
CA LEU B 119 -11.13 -13.37 13.83
C LEU B 119 -11.89 -13.00 15.09
N PHE B 120 -11.90 -11.74 15.41
CA PHE B 120 -12.73 -11.33 16.53
C PHE B 120 -14.01 -10.70 16.04
N PRO B 121 -15.15 -11.03 16.66
CA PRO B 121 -16.43 -10.37 16.30
C PRO B 121 -16.47 -8.99 16.92
N PRO B 122 -17.40 -8.14 16.54
CA PRO B 122 -17.57 -6.87 17.30
C PRO B 122 -17.85 -7.16 18.76
N SER B 123 -17.27 -6.34 19.61
CA SER B 123 -17.54 -6.39 21.03
C SER B 123 -18.94 -5.83 21.31
N SER B 124 -19.57 -6.35 22.36
CA SER B 124 -20.84 -5.76 22.74
C SER B 124 -20.66 -4.27 23.00
N GLU B 125 -19.51 -3.87 23.54
CA GLU B 125 -19.29 -2.46 23.85
C GLU B 125 -19.32 -1.61 22.57
N GLU B 126 -18.65 -2.06 21.53
CA GLU B 126 -18.72 -1.30 20.28
C GLU B 126 -20.15 -1.26 19.73
N LEU B 127 -20.89 -2.35 19.85
CA LEU B 127 -22.28 -2.36 19.38
C LEU B 127 -23.10 -1.35 20.17
N GLN B 128 -22.81 -1.22 21.45
CA GLN B 128 -23.45 -0.21 22.28
C GLN B 128 -23.18 1.21 21.78
N ALA B 129 -22.06 1.42 21.08
CA ALA B 129 -21.75 2.69 20.45
C ALA B 129 -22.25 2.77 19.03
N ASN B 130 -23.16 1.87 18.65
CA ASN B 130 -23.78 1.88 17.33
C ASN B 130 -22.77 1.64 16.21
N LYS B 131 -21.73 0.86 16.49
CA LYS B 131 -20.72 0.53 15.49
C LYS B 131 -20.47 -0.97 15.56
N ALA B 132 -19.81 -1.50 14.53
CA ALA B 132 -19.49 -2.91 14.53
C ALA B 132 -18.28 -3.10 13.63
N THR B 133 -17.21 -3.63 14.19
CA THR B 133 -15.99 -3.91 13.43
C THR B 133 -15.62 -5.37 13.69
N LEU B 134 -15.54 -6.18 12.62
CA LEU B 134 -14.82 -7.46 12.66
C LEU B 134 -13.34 -7.22 12.44
N VAL B 135 -12.50 -7.89 13.23
CA VAL B 135 -11.05 -7.73 13.17
C VAL B 135 -10.44 -9.09 12.86
N CYS B 136 -9.78 -9.18 11.73
CA CYS B 136 -9.18 -10.40 11.23
C CYS B 136 -7.69 -10.19 11.32
N LEU B 137 -7.03 -10.91 12.24
CA LEU B 137 -5.61 -10.77 12.50
C LEU B 137 -4.89 -11.99 11.93
N ILE B 138 -3.82 -11.74 11.22
CA ILE B 138 -3.13 -12.78 10.46
C ILE B 138 -1.68 -12.73 10.86
N SER B 139 -1.10 -13.88 11.22
CA SER B 139 0.27 -13.89 11.72
C SER B 139 1.07 -15.09 11.22
N ASP B 140 2.40 -14.92 11.27
CA ASP B 140 3.38 -16.00 11.16
C ASP B 140 3.58 -16.50 9.74
N PHE B 141 3.13 -15.76 8.73
CA PHE B 141 3.20 -16.26 7.38
C PHE B 141 4.47 -15.72 6.72
N TYR B 142 4.93 -16.44 5.70
CA TYR B 142 6.09 -16.09 4.87
C TYR B 142 5.92 -16.86 3.58
N PRO B 143 6.08 -16.24 2.39
CA PRO B 143 6.35 -14.80 2.19
C PRO B 143 5.28 -13.90 2.82
N GLY B 144 5.64 -12.63 3.03
CA GLY B 144 4.76 -11.66 3.63
C GLY B 144 3.78 -11.07 2.65
N ALA B 145 2.90 -11.90 2.11
CA ALA B 145 1.89 -11.48 1.14
C ALA B 145 0.70 -12.40 1.35
N VAL B 146 -0.47 -11.82 1.57
CA VAL B 146 -1.69 -12.58 1.73
C VAL B 146 -2.79 -11.87 0.96
N THR B 147 -3.82 -12.61 0.61
CA THR B 147 -5.05 -12.02 0.10
C THR B 147 -6.19 -12.33 1.06
N VAL B 148 -7.00 -11.32 1.35
CA VAL B 148 -8.06 -11.42 2.34
C VAL B 148 -9.40 -11.25 1.66
N ALA B 149 -10.34 -12.14 1.93
CA ALA B 149 -11.67 -12.11 1.35
C ALA B 149 -12.62 -12.14 2.54
N TRP B 150 -13.58 -11.26 2.54
CA TRP B 150 -14.58 -11.31 3.59
C TRP B 150 -15.89 -11.77 2.99
N LYS B 151 -16.69 -12.46 3.79
CA LYS B 151 -18.00 -12.92 3.37
C LYS B 151 -19.04 -12.70 4.44
N ALA B 152 -20.23 -12.30 4.01
CA ALA B 152 -21.42 -12.26 4.84
C ALA B 152 -22.25 -13.46 4.44
N ASP B 153 -22.44 -14.40 5.36
CA ASP B 153 -23.01 -15.71 5.03
C ASP B 153 -22.03 -16.35 4.06
N SER B 154 -22.42 -16.62 2.82
CA SER B 154 -21.52 -17.14 1.80
C SER B 154 -21.25 -16.13 0.69
N SER B 155 -21.71 -14.86 0.85
CA SER B 155 -21.63 -13.87 -0.22
C SER B 155 -20.46 -12.94 -0.01
N PRO B 156 -19.63 -12.72 -1.03
CA PRO B 156 -18.48 -11.83 -0.84
C PRO B 156 -18.91 -10.43 -0.44
N VAL B 157 -18.14 -9.82 0.47
CA VAL B 157 -18.34 -8.46 0.92
C VAL B 157 -17.05 -7.69 0.64
N LYS B 158 -17.15 -6.62 -0.17
CA LYS B 158 -16.00 -5.77 -0.47
C LYS B 158 -16.09 -4.39 0.16
N ALA B 159 -17.30 -3.89 0.40
CA ALA B 159 -17.46 -2.59 1.02
C ALA B 159 -17.11 -2.67 2.49
N GLY B 160 -16.46 -1.63 2.98
CA GLY B 160 -16.21 -1.52 4.39
C GLY B 160 -14.99 -2.25 4.84
N VAL B 161 -14.13 -2.67 3.92
CA VAL B 161 -12.97 -3.47 4.23
C VAL B 161 -11.74 -2.60 4.21
N GLU B 162 -10.90 -2.74 5.24
CA GLU B 162 -9.61 -2.07 5.27
C GLU B 162 -8.56 -3.09 5.66
N THR B 163 -7.44 -3.11 4.95
CA THR B 163 -6.45 -4.15 5.24
C THR B 163 -5.04 -3.57 5.25
N THR B 164 -4.25 -3.90 6.26
CA THR B 164 -2.92 -3.37 6.36
C THR B 164 -1.95 -4.21 5.52
N THR B 165 -0.87 -3.56 5.10
CA THR B 165 0.25 -4.24 4.44
C THR B 165 1.04 -5.05 5.46
N PRO B 166 1.40 -6.29 5.14
CA PRO B 166 2.11 -7.09 6.13
C PRO B 166 3.37 -6.39 6.60
N SER B 167 3.65 -6.56 7.88
CA SER B 167 4.86 -5.99 8.45
C SER B 167 5.38 -7.00 9.48
N LYS B 168 6.69 -6.91 9.68
CA LYS B 168 7.33 -7.85 10.56
C LYS B 168 7.00 -7.55 12.01
N GLN B 169 6.84 -8.61 12.78
CA GLN B 169 6.65 -8.45 14.21
C GLN B 169 7.99 -8.54 14.92
N SER B 170 7.97 -8.32 16.24
CA SER B 170 9.16 -8.46 17.07
C SER B 170 9.84 -9.81 16.90
N ASN B 171 9.13 -10.85 16.47
CA ASN B 171 9.74 -12.16 16.26
C ASN B 171 10.23 -12.39 14.83
N ASN B 172 10.27 -11.35 14.00
CA ASN B 172 10.77 -11.39 12.63
C ASN B 172 9.85 -12.12 11.64
N LYS B 173 8.68 -12.57 12.05
CA LYS B 173 7.69 -13.09 11.10
C LYS B 173 6.65 -12.01 10.79
N TYR B 174 5.86 -12.25 9.73
CA TYR B 174 4.94 -11.22 9.28
C TYR B 174 3.60 -11.31 9.96
N ALA B 175 2.97 -10.15 10.13
CA ALA B 175 1.60 -10.05 10.59
C ALA B 175 0.87 -9.05 9.70
N ALA B 176 -0.41 -9.28 9.50
CA ALA B 176 -1.28 -8.30 8.85
C ALA B 176 -2.60 -8.24 9.61
N SER B 177 -3.42 -7.24 9.31
CA SER B 177 -4.74 -7.11 9.93
C SER B 177 -5.72 -6.67 8.86
N SER B 178 -6.95 -7.12 9.00
CA SER B 178 -8.02 -6.66 8.12
C SER B 178 -9.25 -6.37 8.95
N TYR B 179 -10.00 -5.38 8.53
CA TYR B 179 -11.16 -4.90 9.26
C TYR B 179 -12.37 -4.84 8.35
N LEU B 180 -13.48 -5.33 8.85
CA LEU B 180 -14.76 -5.18 8.15
C LEU B 180 -15.66 -4.36 9.04
N SER B 181 -16.04 -3.18 8.57
CA SER B 181 -16.99 -2.29 9.23
C SER B 181 -18.41 -2.57 8.78
N LEU B 182 -19.31 -2.74 9.76
CA LEU B 182 -20.71 -3.01 9.49
C LEU B 182 -21.53 -2.15 10.43
N THR B 183 -22.80 -1.99 10.10
CA THR B 183 -23.74 -1.47 11.10
C THR B 183 -24.14 -2.60 12.04
N PRO B 184 -24.61 -2.28 13.26
CA PRO B 184 -25.06 -3.37 14.15
C PRO B 184 -26.19 -4.14 13.56
N GLU B 185 -27.02 -3.51 12.72
CA GLU B 185 -28.12 -4.26 12.14
C GLU B 185 -27.57 -5.26 11.12
N GLN B 186 -26.59 -4.82 10.30
CA GLN B 186 -25.96 -5.74 9.35
C GLN B 186 -25.34 -6.93 10.06
N TRP B 187 -24.67 -6.69 11.20
CA TRP B 187 -24.05 -7.79 11.93
C TRP B 187 -25.09 -8.77 12.43
N LYS B 188 -26.16 -8.26 13.04
CA LYS B 188 -27.16 -9.11 13.67
C LYS B 188 -28.09 -9.78 12.66
N SER B 189 -28.21 -9.23 11.45
CA SER B 189 -29.15 -9.74 10.47
C SER B 189 -28.64 -10.95 9.70
N HIS B 190 -27.35 -11.28 9.80
CA HIS B 190 -26.85 -12.40 9.03
C HIS B 190 -26.57 -13.58 9.96
N ARG B 191 -26.43 -14.75 9.36
CA ARG B 191 -26.12 -15.95 10.13
C ARG B 191 -24.67 -15.95 10.58
N SER B 192 -23.77 -15.43 9.74
CA SER B 192 -22.36 -15.43 10.07
C SER B 192 -21.61 -14.48 9.15
N TYR B 193 -20.41 -14.11 9.57
CA TYR B 193 -19.45 -13.48 8.69
C TYR B 193 -18.17 -14.29 8.73
N SER B 194 -17.37 -14.16 7.68
CA SER B 194 -16.15 -14.93 7.56
C SER B 194 -14.99 -14.09 7.03
N CYS B 195 -13.81 -14.42 7.49
CA CYS B 195 -12.56 -13.83 7.04
C CYS B 195 -11.73 -14.97 6.47
N GLN B 196 -11.43 -14.89 5.19
CA GLN B 196 -10.71 -15.93 4.47
C GLN B 196 -9.39 -15.37 4.00
N VAL B 197 -8.32 -16.02 4.43
CA VAL B 197 -6.98 -15.57 4.12
C VAL B 197 -6.37 -16.59 3.18
N THR B 198 -5.89 -16.12 2.05
CA THR B 198 -5.23 -16.98 1.09
C THR B 198 -3.74 -16.68 1.12
N HIS B 199 -2.95 -17.73 1.18
CA HIS B 199 -1.50 -17.60 1.25
C HIS B 199 -0.91 -18.80 0.52
N GLU B 200 -0.17 -18.53 -0.56
CA GLU B 200 0.45 -19.57 -1.38
C GLU B 200 -0.61 -20.52 -1.91
N GLY B 201 -1.76 -19.97 -2.30
CA GLY B 201 -2.82 -20.74 -2.89
C GLY B 201 -3.56 -21.66 -1.97
N SER B 202 -3.29 -21.61 -0.65
CA SER B 202 -4.03 -22.35 0.35
C SER B 202 -4.72 -21.33 1.25
N THR B 203 -5.81 -21.76 1.89
CA THR B 203 -6.67 -20.79 2.52
C THR B 203 -7.05 -21.23 3.92
N VAL B 204 -7.21 -20.24 4.75
CA VAL B 204 -7.66 -20.43 6.11
C VAL B 204 -8.81 -19.48 6.27
N GLU B 205 -9.96 -19.98 6.72
CA GLU B 205 -11.18 -19.19 6.88
C GLU B 205 -11.70 -19.30 8.30
N LYS B 206 -11.91 -18.17 8.92
CA LYS B 206 -12.49 -18.14 10.25
C LYS B 206 -13.87 -17.51 10.14
N THR B 207 -14.77 -18.01 10.96
CA THR B 207 -16.15 -17.57 10.92
C THR B 207 -16.61 -17.21 12.32
N VAL B 208 -17.44 -16.17 12.39
CA VAL B 208 -18.05 -15.71 13.64
C VAL B 208 -19.54 -15.45 13.38
N ALA B 209 -20.36 -15.54 14.44
CA ALA B 209 -21.78 -15.27 14.35
C ALA B 209 -22.32 -14.50 15.54
N PRO B 210 -23.38 -13.71 15.34
CA PRO B 210 -23.86 -12.79 16.38
C PRO B 210 -24.63 -13.46 17.51
#